data_4LJ4
#
_entry.id   4LJ4
#
_cell.length_a   74.500
_cell.length_b   74.500
_cell.length_c   118.070
_cell.angle_alpha   90.00
_cell.angle_beta   90.00
_cell.angle_gamma   120.00
#
_symmetry.space_group_name_H-M   'P 65'
#
loop_
_entity.id
_entity.type
_entity.pdbx_description
1 polymer 'Chaperone protein ClpB'
2 non-polymer 'PHOSPHATE ION'
#
_entity_poly.entity_id   1
_entity_poly.type   'polypeptide(L)'
_entity_poly.pdbx_seq_one_letter_code
;GSHMEVTEEDIAEIVSRWTGIPVSKLLEGEREKLLRLEEELHKRVVGQDEAIRAVADAIRRARAGLKDPNRPIGSFLFLG
PTGVGKTELAKTLAATLFDTEEAMIRIDMTEYMEKHAVSRLIGAPPGYVGYEEGGQLTEAVRRRPYSVILFDEIEKAHPD
VFNILLQILDDGRLTDSHGRTVDFRNTVIILTSNLGSPLILEGLQKGWPYERIRDEVFKVLQQHFRPEFLNRLDEIVVFR
PLTKEQIRQIVEIQLSYLRARLAEKRISLELTEAAKDFLAERGYDPVFGARPLRRVIQRELETPLAQKILAGEVKEGDRV
QVDVGPAGLVFAVPARVEA
;
_entity_poly.pdbx_strand_id   A
#
loop_
_chem_comp.id
_chem_comp.type
_chem_comp.name
_chem_comp.formula
PO4 non-polymer 'PHOSPHATE ION' 'O4 P -3'
#
# COMPACT_ATOMS: atom_id res chain seq x y z
N HIS A 3 -17.13 19.04 26.52
CA HIS A 3 -16.32 19.24 27.75
C HIS A 3 -14.88 19.62 27.40
N MET A 4 -14.33 20.57 28.15
CA MET A 4 -13.03 21.15 27.81
C MET A 4 -11.82 20.28 28.20
N GLU A 5 -11.68 20.00 29.49
CA GLU A 5 -10.50 19.29 30.02
C GLU A 5 -10.42 17.82 29.63
N VAL A 6 -11.58 17.21 29.39
CA VAL A 6 -11.67 15.83 28.93
C VAL A 6 -12.06 15.81 27.46
N THR A 7 -11.22 15.19 26.65
CA THR A 7 -11.40 15.19 25.19
C THR A 7 -12.25 14.01 24.73
N GLU A 8 -12.59 14.02 23.44
CA GLU A 8 -13.22 12.88 22.77
C GLU A 8 -12.23 11.72 22.79
N GLU A 9 -10.96 12.00 22.51
CA GLU A 9 -9.91 10.98 22.50
C GLU A 9 -9.78 10.29 23.86
N ASP A 10 -9.88 11.06 24.94
CA ASP A 10 -9.82 10.53 26.30
C ASP A 10 -10.85 9.44 26.54
N ILE A 11 -12.11 9.74 26.25
CA ILE A 11 -13.19 8.76 26.35
C ILE A 11 -12.99 7.59 25.38
N ALA A 12 -12.76 7.91 24.11
CA ALA A 12 -12.58 6.90 23.07
C ALA A 12 -11.50 5.89 23.46
N GLU A 13 -10.42 6.36 24.08
CA GLU A 13 -9.30 5.50 24.43
C GLU A 13 -9.75 4.42 25.45
N ILE A 14 -10.57 4.84 26.41
CA ILE A 14 -11.09 3.95 27.43
C ILE A 14 -11.94 2.84 26.79
N VAL A 15 -12.94 3.24 26.01
CA VAL A 15 -13.80 2.31 25.30
C VAL A 15 -12.96 1.41 24.41
N SER A 16 -12.04 2.03 23.67
CA SER A 16 -11.12 1.33 22.78
C SER A 16 -10.35 0.24 23.51
N ARG A 17 -9.83 0.55 24.69
CA ARG A 17 -9.00 -0.40 25.40
C ARG A 17 -9.81 -1.53 26.05
N TRP A 18 -10.98 -1.19 26.60
CA TRP A 18 -11.87 -2.20 27.18
C TRP A 18 -12.38 -3.20 26.12
N THR A 19 -12.72 -2.69 24.93
CA THR A 19 -13.38 -3.50 23.90
C THR A 19 -12.43 -4.13 22.89
N GLY A 20 -11.38 -3.40 22.52
CA GLY A 20 -10.46 -3.85 21.47
C GLY A 20 -10.78 -3.22 20.13
N ILE A 21 -11.86 -2.43 20.10
CA ILE A 21 -12.27 -1.65 18.92
C ILE A 21 -11.37 -0.42 18.77
N PRO A 22 -10.70 -0.26 17.61
CA PRO A 22 -9.84 0.91 17.33
C PRO A 22 -10.55 2.24 17.51
N VAL A 23 -9.82 3.22 18.03
CA VAL A 23 -10.28 4.61 18.19
C VAL A 23 -10.96 5.13 16.91
N SER A 24 -10.27 4.97 15.77
CA SER A 24 -10.80 5.38 14.46
C SER A 24 -12.19 4.84 14.21
N LYS A 25 -12.38 3.54 14.46
CA LYS A 25 -13.68 2.89 14.31
C LYS A 25 -14.76 3.53 15.19
N LEU A 26 -14.38 3.89 16.41
CA LEU A 26 -15.30 4.56 17.34
C LEU A 26 -15.54 6.02 16.93
N LEU A 27 -14.58 6.60 16.22
CA LEU A 27 -14.65 8.00 15.78
C LEU A 27 -14.93 8.18 14.28
N GLU A 28 -15.29 7.08 13.60
CA GLU A 28 -15.58 7.12 12.16
C GLU A 28 -16.72 8.09 11.84
N GLY A 29 -17.69 8.17 12.74
CA GLY A 29 -18.88 8.99 12.56
C GLY A 29 -18.69 10.47 12.87
N GLU A 30 -17.58 10.80 13.53
CA GLU A 30 -17.30 12.19 13.94
C GLU A 30 -15.85 12.61 13.69
N GLU A 32 -18.34 11.18 9.82
CA GLU A 32 -18.19 12.29 8.87
C GLU A 32 -16.92 12.15 8.03
N LYS A 33 -15.90 11.55 8.66
CA LYS A 33 -14.61 11.30 8.02
C LYS A 33 -14.74 10.37 6.81
N LEU A 34 -15.68 9.42 6.88
CA LEU A 34 -15.94 8.51 5.77
C LEU A 34 -16.21 9.29 4.48
N LEU A 35 -16.86 10.45 4.62
CA LEU A 35 -17.10 11.37 3.50
C LEU A 35 -15.79 11.88 2.87
N ARG A 36 -14.79 12.17 3.71
CA ARG A 36 -13.50 12.68 3.25
C ARG A 36 -12.35 11.71 3.47
N LEU A 37 -12.57 10.45 3.10
CA LEU A 37 -11.57 9.38 3.30
C LEU A 37 -10.59 9.26 2.14
N GLU A 38 -11.01 9.72 0.97
CA GLU A 38 -10.15 9.76 -0.21
C GLU A 38 -8.98 10.72 -0.01
N GLU A 39 -9.26 11.86 0.64
CA GLU A 39 -8.20 12.84 0.90
C GLU A 39 -7.19 12.38 1.95
N GLU A 40 -7.64 11.59 2.92
CA GLU A 40 -6.73 10.97 3.88
C GLU A 40 -5.70 10.09 3.15
N LEU A 41 -6.20 9.19 2.31
CA LEU A 41 -5.37 8.29 1.52
C LEU A 41 -4.49 9.01 0.50
N HIS A 42 -4.95 10.17 0.03
CA HIS A 42 -4.19 10.94 -0.93
C HIS A 42 -2.97 11.61 -0.32
N LYS A 43 -3.01 11.83 1.00
CA LYS A 43 -1.87 12.39 1.73
C LYS A 43 -0.60 11.55 1.53
N ARG A 44 -0.78 10.26 1.24
CA ARG A 44 0.34 9.32 1.14
C ARG A 44 0.42 8.59 -0.21
N VAL A 45 -0.72 8.26 -0.79
CA VAL A 45 -0.75 7.62 -2.10
C VAL A 45 -0.95 8.67 -3.20
N VAL A 46 0.14 8.98 -3.89
CA VAL A 46 0.12 9.83 -5.07
C VAL A 46 -0.45 9.02 -6.23
N GLY A 47 -1.17 9.69 -7.14
CA GLY A 47 -1.77 9.05 -8.29
C GLY A 47 -2.89 8.10 -7.88
N GLN A 48 -3.08 7.05 -8.68
CA GLN A 48 -4.03 5.97 -8.41
C GLN A 48 -5.39 6.40 -7.84
N ASP A 49 -6.01 7.39 -8.49
CA ASP A 49 -7.28 7.97 -8.03
C ASP A 49 -8.44 6.96 -8.11
N GLU A 50 -8.40 6.11 -9.12
CA GLU A 50 -9.42 5.09 -9.32
C GLU A 50 -9.40 4.08 -8.18
N ALA A 51 -8.21 3.67 -7.78
CA ALA A 51 -8.02 2.67 -6.74
C ALA A 51 -8.53 3.16 -5.40
N ILE A 52 -8.31 4.44 -5.13
CA ILE A 52 -8.68 5.06 -3.87
C ILE A 52 -10.20 5.23 -3.78
N ARG A 53 -10.82 5.72 -4.85
CA ARG A 53 -12.28 5.84 -4.91
C ARG A 53 -12.92 4.47 -4.70
N ALA A 54 -12.46 3.48 -5.46
CA ALA A 54 -12.93 2.12 -5.32
C ALA A 54 -12.99 1.71 -3.84
N VAL A 55 -11.82 1.72 -3.20
CA VAL A 55 -11.68 1.37 -1.80
C VAL A 55 -12.62 2.17 -0.90
N ALA A 56 -12.66 3.50 -1.11
CA ALA A 56 -13.55 4.38 -0.34
C ALA A 56 -15.04 4.05 -0.56
N ASP A 57 -15.43 3.84 -1.82
CA ASP A 57 -16.82 3.51 -2.17
C ASP A 57 -17.25 2.19 -1.54
N ALA A 58 -16.32 1.22 -1.49
CA ALA A 58 -16.59 -0.10 -0.93
C ALA A 58 -16.86 -0.01 0.56
N ILE A 59 -16.06 0.81 1.23
CA ILE A 59 -16.13 1.00 2.67
C ILE A 59 -17.39 1.79 3.04
N ARG A 60 -17.72 2.77 2.21
CA ARG A 60 -18.95 3.55 2.39
C ARG A 60 -20.20 2.69 2.29
N ARG A 61 -20.18 1.68 1.40
CA ARG A 61 -21.33 0.79 1.23
C ARG A 61 -21.55 -0.09 2.46
N ALA A 62 -20.46 -0.62 3.01
CA ALA A 62 -20.51 -1.45 4.21
C ALA A 62 -20.97 -0.64 5.42
N ARG A 63 -20.51 0.61 5.51
CA ARG A 63 -20.85 1.49 6.62
C ARG A 63 -22.27 2.03 6.57
N ALA A 64 -22.87 2.00 5.38
CA ALA A 64 -24.25 2.44 5.20
C ALA A 64 -25.24 1.30 5.44
N GLY A 65 -24.73 0.10 5.68
CA GLY A 65 -25.56 -1.09 5.89
C GLY A 65 -26.12 -1.66 4.60
N LEU A 66 -25.40 -1.46 3.51
CA LEU A 66 -25.86 -1.82 2.17
C LEU A 66 -25.28 -3.13 1.63
N LYS A 67 -24.33 -3.72 2.35
CA LYS A 67 -23.71 -4.98 1.93
C LYS A 67 -23.99 -6.12 2.91
N ASP A 68 -23.66 -7.34 2.48
CA ASP A 68 -23.76 -8.54 3.32
C ASP A 68 -22.92 -8.38 4.60
N PRO A 69 -23.60 -8.33 5.77
CA PRO A 69 -22.92 -8.17 7.06
C PRO A 69 -21.99 -9.35 7.37
N ASN A 70 -22.36 -10.54 6.91
CA ASN A 70 -21.53 -11.73 7.03
C ASN A 70 -20.48 -11.83 5.93
N ARG A 71 -19.60 -10.82 5.89
CA ARG A 71 -18.51 -10.71 4.94
C ARG A 71 -17.49 -9.74 5.51
N PRO A 72 -16.23 -9.79 5.03
CA PRO A 72 -15.30 -8.74 5.40
C PRO A 72 -15.82 -7.39 4.93
N ILE A 73 -15.29 -6.31 5.50
CA ILE A 73 -15.73 -4.96 5.14
C ILE A 73 -15.48 -4.72 3.65
N GLY A 74 -14.29 -5.10 3.20
CA GLY A 74 -13.90 -4.92 1.81
C GLY A 74 -12.98 -6.03 1.35
N SER A 75 -13.13 -6.40 0.09
CA SER A 75 -12.26 -7.39 -0.55
C SER A 75 -11.87 -6.89 -1.93
N PHE A 76 -10.56 -6.81 -2.16
CA PHE A 76 -10.03 -6.19 -3.36
C PHE A 76 -8.94 -7.03 -3.99
N LEU A 77 -8.92 -7.03 -5.32
CA LEU A 77 -7.77 -7.52 -6.08
C LEU A 77 -7.12 -6.31 -6.74
N PHE A 78 -5.86 -6.10 -6.40
CA PHE A 78 -5.08 -4.98 -6.89
C PHE A 78 -4.13 -5.46 -7.99
N LEU A 79 -4.52 -5.21 -9.23
CA LEU A 79 -3.73 -5.62 -10.38
C LEU A 79 -2.91 -4.46 -10.94
N GLY A 80 -2.15 -4.73 -12.00
CA GLY A 80 -1.23 -3.75 -12.54
C GLY A 80 0.15 -3.96 -11.97
N PRO A 81 1.12 -3.12 -12.38
CA PRO A 81 2.51 -3.24 -11.92
C PRO A 81 2.71 -3.01 -10.40
N THR A 82 3.90 -3.41 -9.92
CA THR A 82 4.29 -3.25 -8.53
C THR A 82 5.01 -1.93 -8.35
N GLY A 83 4.95 -1.37 -7.14
CA GLY A 83 5.70 -0.17 -6.81
C GLY A 83 5.03 1.10 -7.28
N VAL A 84 3.72 1.04 -7.47
CA VAL A 84 2.94 2.21 -7.88
C VAL A 84 1.89 2.60 -6.83
N GLY A 85 1.82 1.86 -5.73
CA GLY A 85 1.02 2.29 -4.59
C GLY A 85 0.27 1.24 -3.79
N LYS A 86 0.29 -0.01 -4.25
CA LYS A 86 -0.48 -1.08 -3.63
C LYS A 86 -0.26 -1.20 -2.12
N THR A 87 0.99 -1.48 -1.70
CA THR A 87 1.36 -1.62 -0.29
C THR A 87 1.13 -0.30 0.47
N GLU A 88 1.56 0.82 -0.11
CA GLU A 88 1.34 2.13 0.50
C GLU A 88 -0.12 2.33 0.87
N LEU A 89 -1.00 2.08 -0.10
CA LEU A 89 -2.43 2.23 0.11
C LEU A 89 -2.89 1.32 1.24
N ALA A 90 -2.54 0.04 1.15
CA ALA A 90 -2.88 -0.95 2.16
C ALA A 90 -2.50 -0.48 3.55
N LYS A 91 -1.29 0.08 3.67
CA LYS A 91 -0.78 0.60 4.93
C LYS A 91 -1.59 1.80 5.38
N THR A 92 -1.75 2.78 4.48
CA THR A 92 -2.47 4.00 4.77
C THR A 92 -3.89 3.67 5.23
N LEU A 93 -4.47 2.66 4.56
CA LEU A 93 -5.80 2.18 4.85
C LEU A 93 -5.89 1.70 6.29
N ALA A 94 -4.83 1.00 6.73
CA ALA A 94 -4.78 0.46 8.08
C ALA A 94 -4.62 1.59 9.09
N ALA A 95 -3.74 2.53 8.78
CA ALA A 95 -3.46 3.65 9.65
C ALA A 95 -4.71 4.52 9.87
N THR A 96 -5.52 4.69 8.83
CA THR A 96 -6.70 5.55 8.93
C THR A 96 -7.85 4.83 9.64
N LEU A 97 -8.21 3.66 9.13
CA LEU A 97 -9.33 2.90 9.66
C LEU A 97 -9.06 2.25 11.02
N PHE A 98 -7.85 1.73 11.19
CA PHE A 98 -7.52 0.95 12.38
C PHE A 98 -6.34 1.54 13.17
N ASP A 99 -6.15 2.86 13.06
CA ASP A 99 -5.22 3.62 13.91
C ASP A 99 -3.72 3.51 13.58
N THR A 100 -3.28 2.32 13.21
CA THR A 100 -1.85 2.04 13.03
C THR A 100 -1.54 1.02 11.93
N GLU A 101 -0.41 1.23 11.25
CA GLU A 101 0.10 0.27 10.26
C GLU A 101 0.39 -1.10 10.87
N GLU A 102 0.66 -1.13 12.17
CA GLU A 102 0.81 -2.39 12.91
C GLU A 102 -0.43 -3.26 12.77
N ALA A 103 -1.55 -2.62 12.42
CA ALA A 103 -2.84 -3.31 12.17
C ALA A 103 -2.99 -3.83 10.73
N MET A 104 -1.88 -4.01 10.04
CA MET A 104 -1.86 -4.67 8.73
C MET A 104 -1.05 -5.96 8.76
N ILE A 105 -1.70 -7.05 8.38
CA ILE A 105 -1.08 -8.38 8.33
C ILE A 105 -0.74 -8.70 6.89
N ARG A 106 0.54 -9.00 6.63
CA ARG A 106 1.00 -9.26 5.29
C ARG A 106 1.39 -10.74 5.07
N ILE A 107 0.68 -11.38 4.14
CA ILE A 107 0.90 -12.78 3.80
C ILE A 107 1.61 -12.87 2.45
N ASP A 108 2.90 -13.20 2.49
CA ASP A 108 3.69 -13.36 1.27
C ASP A 108 3.52 -14.78 0.72
N MET A 109 2.71 -14.90 -0.33
CA MET A 109 2.31 -16.19 -0.90
C MET A 109 3.46 -17.01 -1.50
N THR A 110 4.63 -16.39 -1.61
CA THR A 110 5.86 -17.06 -2.05
C THR A 110 6.21 -18.21 -1.10
N GLU A 111 5.73 -18.09 0.13
CA GLU A 111 5.93 -19.12 1.15
C GLU A 111 4.79 -20.13 1.18
N TYR A 112 3.85 -19.98 0.26
CA TYR A 112 2.62 -20.79 0.27
C TYR A 112 2.33 -21.46 -1.07
N MET A 113 3.30 -22.24 -1.56
CA MET A 113 3.19 -22.86 -2.89
C MET A 113 3.18 -24.39 -2.86
N GLU A 114 3.74 -24.99 -1.81
CA GLU A 114 4.05 -26.43 -1.81
C GLU A 114 3.13 -27.33 -0.95
N LYS A 115 1.83 -27.20 -1.16
CA LYS A 115 0.80 -28.12 -0.63
C LYS A 115 0.54 -28.01 0.89
N HIS A 116 1.49 -28.44 1.71
CA HIS A 116 1.35 -28.39 3.17
C HIS A 116 1.34 -26.96 3.73
N ALA A 117 1.11 -25.99 2.85
CA ALA A 117 1.10 -24.59 3.22
C ALA A 117 -0.21 -24.12 3.87
N VAL A 118 -1.25 -24.94 3.78
CA VAL A 118 -2.53 -24.65 4.42
C VAL A 118 -2.42 -24.65 5.94
N SER A 119 -1.80 -25.69 6.50
CA SER A 119 -1.58 -25.81 7.94
C SER A 119 -0.84 -24.59 8.48
N ARG A 120 0.15 -24.11 7.73
CA ARG A 120 0.91 -22.92 8.11
C ARG A 120 0.00 -21.70 8.25
N LEU A 121 -0.95 -21.57 7.34
CA LEU A 121 -1.99 -20.53 7.44
C LEU A 121 -2.95 -20.75 8.61
N ILE A 122 -3.40 -21.99 8.79
CA ILE A 122 -4.45 -22.30 9.77
C ILE A 122 -3.98 -23.22 10.89
N GLY A 135 -1.23 -21.61 13.34
CA GLY A 135 -2.14 -20.81 12.48
C GLY A 135 -1.64 -19.40 12.25
N GLN A 136 -0.66 -19.26 11.36
CA GLN A 136 -0.08 -17.94 11.03
C GLN A 136 -1.13 -16.88 10.74
N LEU A 137 -2.12 -17.21 9.91
CA LEU A 137 -3.20 -16.30 9.57
C LEU A 137 -4.26 -16.24 10.66
N THR A 138 -4.75 -17.42 11.07
CA THR A 138 -5.89 -17.53 11.99
C THR A 138 -5.61 -16.97 13.38
N GLU A 139 -4.36 -17.08 13.81
CA GLU A 139 -3.93 -16.54 15.10
C GLU A 139 -3.77 -15.03 15.06
N ALA A 140 -3.22 -14.53 13.95
CA ALA A 140 -3.01 -13.09 13.76
C ALA A 140 -4.33 -12.32 13.73
N VAL A 141 -5.35 -12.95 13.15
CA VAL A 141 -6.69 -12.38 13.03
C VAL A 141 -7.53 -12.67 14.28
N ARG A 142 -7.06 -13.60 15.11
CA ARG A 142 -7.70 -13.89 16.39
C ARG A 142 -7.42 -12.77 17.39
N ARG A 143 -6.15 -12.38 17.52
CA ARG A 143 -5.78 -11.28 18.42
C ARG A 143 -6.08 -9.91 17.81
N ARG A 144 -6.13 -9.84 16.48
CA ARG A 144 -6.51 -8.60 15.78
C ARG A 144 -7.71 -8.83 14.85
N PRO A 145 -8.94 -8.76 15.39
CA PRO A 145 -10.12 -8.82 14.52
C PRO A 145 -10.25 -7.62 13.56
N TYR A 146 -9.69 -6.47 13.94
CA TYR A 146 -9.76 -5.26 13.12
C TYR A 146 -8.45 -5.03 12.39
N SER A 147 -8.31 -5.65 11.23
CA SER A 147 -7.05 -5.65 10.51
C SER A 147 -7.22 -5.74 8.99
N VAL A 148 -6.39 -4.99 8.27
CA VAL A 148 -6.26 -5.11 6.82
C VAL A 148 -5.28 -6.26 6.54
N ILE A 149 -5.71 -7.23 5.73
CA ILE A 149 -4.85 -8.37 5.39
C ILE A 149 -4.35 -8.28 3.94
N LEU A 150 -3.02 -8.23 3.79
CA LEU A 150 -2.41 -8.06 2.49
C LEU A 150 -1.77 -9.36 1.96
N PHE A 151 -2.48 -10.03 1.06
CA PHE A 151 -1.96 -11.23 0.40
C PHE A 151 -1.13 -10.84 -0.82
N ASP A 152 0.19 -10.82 -0.65
CA ASP A 152 1.08 -10.39 -1.73
C ASP A 152 1.33 -11.48 -2.76
N GLU A 153 1.34 -11.07 -4.03
CA GLU A 153 1.35 -11.97 -5.18
C GLU A 153 0.54 -13.23 -4.95
N ILE A 154 -0.78 -13.05 -5.01
CA ILE A 154 -1.74 -14.10 -4.73
C ILE A 154 -1.75 -15.20 -5.80
N GLU A 155 -1.17 -14.91 -6.96
CA GLU A 155 -1.17 -15.85 -8.09
C GLU A 155 -0.18 -17.00 -7.92
N LYS A 156 0.78 -16.85 -7.00
CA LYS A 156 1.77 -17.89 -6.73
C LYS A 156 1.21 -18.95 -5.79
N ALA A 157 0.17 -18.58 -5.05
CA ALA A 157 -0.41 -19.42 -4.01
C ALA A 157 -1.00 -20.72 -4.54
N HIS A 158 -0.80 -21.79 -3.78
CA HIS A 158 -1.33 -23.12 -4.12
C HIS A 158 -2.86 -23.12 -4.08
N PRO A 159 -3.51 -23.89 -4.98
CA PRO A 159 -4.96 -24.07 -4.96
C PRO A 159 -5.58 -24.23 -3.56
N ASP A 160 -5.06 -25.18 -2.78
CA ASP A 160 -5.56 -25.43 -1.41
C ASP A 160 -5.56 -24.14 -0.58
N VAL A 161 -4.49 -23.38 -0.70
CA VAL A 161 -4.32 -22.10 0.00
C VAL A 161 -5.31 -21.06 -0.56
N PHE A 162 -5.71 -21.26 -1.81
CA PHE A 162 -6.69 -20.40 -2.47
C PHE A 162 -8.11 -20.76 -2.00
N ASN A 163 -8.35 -22.04 -1.73
CA ASN A 163 -9.66 -22.53 -1.25
C ASN A 163 -10.08 -21.88 0.07
N ILE A 164 -9.12 -21.72 0.97
CA ILE A 164 -9.33 -21.16 2.30
C ILE A 164 -9.67 -19.67 2.23
N LEU A 165 -9.10 -19.01 1.22
CA LEU A 165 -9.34 -17.59 0.94
C LEU A 165 -10.80 -17.32 0.55
N LEU A 166 -11.37 -18.26 -0.20
CA LEU A 166 -12.78 -18.20 -0.61
C LEU A 166 -13.70 -18.30 0.60
N GLN A 167 -13.31 -19.13 1.57
CA GLN A 167 -14.06 -19.32 2.81
C GLN A 167 -14.18 -18.00 3.59
N ILE A 168 -13.13 -17.18 3.51
CA ILE A 168 -13.14 -15.84 4.11
C ILE A 168 -14.12 -14.94 3.36
N LEU A 169 -14.16 -15.10 2.04
CA LEU A 169 -15.01 -14.28 1.18
C LEU A 169 -16.48 -14.66 1.24
N ASP A 170 -16.77 -15.87 1.72
CA ASP A 170 -18.13 -16.40 1.72
C ASP A 170 -18.98 -15.97 2.92
N ASP A 171 -18.43 -16.10 4.13
CA ASP A 171 -19.19 -15.80 5.35
C ASP A 171 -18.42 -14.98 6.38
N GLY A 172 -17.29 -14.40 5.96
CA GLY A 172 -16.47 -13.56 6.83
C GLY A 172 -15.92 -14.26 8.06
N ARG A 173 -15.69 -15.56 7.94
CA ARG A 173 -15.18 -16.41 9.02
C ARG A 173 -14.29 -17.52 8.47
N LEU A 174 -13.51 -18.16 9.33
CA LEU A 174 -12.56 -19.20 8.90
C LEU A 174 -12.20 -20.18 10.02
N THR A 175 -12.27 -21.48 9.71
CA THR A 175 -11.99 -22.56 10.67
C THR A 175 -10.49 -22.87 10.73
N ASP A 176 -9.98 -23.07 11.94
CA ASP A 176 -8.59 -23.52 12.14
C ASP A 176 -8.52 -25.01 12.47
N SER A 177 -7.41 -25.43 13.06
CA SER A 177 -7.15 -26.85 13.35
C SER A 177 -8.04 -27.40 14.48
N HIS A 178 -8.30 -26.59 15.49
CA HIS A 178 -9.14 -26.98 16.62
C HIS A 178 -10.61 -27.20 16.22
N GLY A 179 -11.06 -26.44 15.22
CA GLY A 179 -12.45 -26.48 14.77
C GLY A 179 -13.16 -25.15 15.02
N ARG A 180 -12.64 -24.39 15.97
CA ARG A 180 -13.17 -23.07 16.32
C ARG A 180 -12.93 -22.04 15.20
N THR A 181 -13.98 -21.31 14.85
CA THR A 181 -13.90 -20.33 13.77
C THR A 181 -13.35 -18.99 14.24
N VAL A 182 -12.56 -18.35 13.38
CA VAL A 182 -12.03 -17.02 13.63
C VAL A 182 -12.80 -16.02 12.77
N ASP A 183 -13.21 -14.91 13.39
CA ASP A 183 -14.03 -13.90 12.72
C ASP A 183 -13.19 -12.99 11.82
N PHE A 184 -13.67 -12.77 10.60
CA PHE A 184 -13.02 -11.92 9.62
C PHE A 184 -13.95 -10.80 9.16
N ARG A 185 -15.10 -10.66 9.83
CA ARG A 185 -16.15 -9.72 9.44
C ARG A 185 -15.77 -8.25 9.61
N ASN A 186 -14.68 -7.99 10.32
CA ASN A 186 -14.19 -6.63 10.52
C ASN A 186 -12.89 -6.36 9.79
N THR A 187 -12.47 -7.33 8.98
CA THR A 187 -11.22 -7.23 8.25
C THR A 187 -11.41 -6.64 6.87
N VAL A 188 -10.31 -6.17 6.29
CA VAL A 188 -10.27 -5.71 4.91
C VAL A 188 -9.23 -6.54 4.15
N ILE A 189 -9.69 -7.28 3.16
CA ILE A 189 -8.81 -8.15 2.37
C ILE A 189 -8.33 -7.46 1.11
N ILE A 190 -7.02 -7.28 0.99
CA ILE A 190 -6.42 -6.79 -0.24
C ILE A 190 -5.48 -7.83 -0.82
N LEU A 191 -5.81 -8.30 -2.02
CA LEU A 191 -4.99 -9.29 -2.72
C LEU A 191 -4.24 -8.55 -3.81
N THR A 192 -2.99 -8.91 -4.02
CA THR A 192 -2.17 -8.19 -5.01
C THR A 192 -1.51 -9.14 -5.99
N SER A 193 -1.33 -8.67 -7.22
CA SER A 193 -0.71 -9.48 -8.26
C SER A 193 -0.17 -8.59 -9.37
N ASN A 194 0.90 -9.06 -9.99
CA ASN A 194 1.49 -8.44 -11.16
C ASN A 194 0.95 -8.98 -12.48
N LEU A 195 0.39 -10.18 -12.44
CA LEU A 195 0.00 -10.91 -13.64
C LEU A 195 -0.48 -10.05 -14.80
N GLY A 196 0.27 -10.12 -15.90
CA GLY A 196 -0.01 -9.33 -17.08
C GLY A 196 1.07 -8.31 -17.33
N SER A 197 1.47 -7.61 -16.26
CA SER A 197 2.43 -6.51 -16.36
C SER A 197 3.80 -6.97 -16.89
N PRO A 198 4.43 -7.98 -16.24
CA PRO A 198 5.67 -8.50 -16.81
C PRO A 198 5.48 -8.96 -18.26
N LEU A 199 4.32 -9.55 -18.55
CA LEU A 199 3.97 -9.99 -19.90
C LEU A 199 3.84 -8.82 -20.87
N ILE A 200 3.25 -7.70 -20.41
CA ILE A 200 3.14 -6.50 -21.24
C ILE A 200 4.54 -5.94 -21.55
N LEU A 201 5.43 -6.01 -20.56
CA LEU A 201 6.82 -5.62 -20.76
C LEU A 201 7.52 -6.50 -21.79
N GLU A 202 7.21 -7.80 -21.74
CA GLU A 202 7.76 -8.74 -22.70
C GLU A 202 7.42 -8.29 -24.12
N GLY A 203 6.13 -8.17 -24.40
CA GLY A 203 5.63 -7.84 -25.74
C GLY A 203 6.06 -6.51 -26.31
N LEU A 204 6.40 -5.56 -25.45
CA LEU A 204 6.92 -4.27 -25.89
C LEU A 204 8.37 -4.38 -26.34
N GLN A 205 9.16 -5.16 -25.59
CA GLN A 205 10.56 -5.42 -25.92
C GLN A 205 10.70 -6.39 -27.10
N LYS A 206 9.63 -7.14 -27.36
CA LYS A 206 9.59 -8.11 -28.45
C LYS A 206 8.84 -7.59 -29.68
N GLY A 207 8.31 -6.38 -29.56
CA GLY A 207 7.64 -5.70 -30.67
C GLY A 207 6.31 -6.30 -31.11
N TRP A 208 5.64 -7.01 -30.21
CA TRP A 208 4.31 -7.58 -30.47
C TRP A 208 3.28 -6.50 -30.78
N PRO A 209 2.36 -6.77 -31.73
CA PRO A 209 1.21 -5.90 -31.98
C PRO A 209 0.30 -5.80 -30.76
N TYR A 210 -0.37 -4.66 -30.59
CA TYR A 210 -1.19 -4.40 -29.39
C TYR A 210 -2.18 -5.52 -29.06
N GLU A 211 -2.96 -5.96 -30.03
CA GLU A 211 -3.98 -6.99 -29.81
C GLU A 211 -3.40 -8.31 -29.29
N ARG A 212 -2.20 -8.67 -29.78
CA ARG A 212 -1.47 -9.84 -29.28
C ARG A 212 -1.24 -9.73 -27.77
N ILE A 213 -0.59 -8.65 -27.34
CA ILE A 213 -0.33 -8.40 -25.92
C ILE A 213 -1.61 -8.41 -25.10
N ARG A 214 -2.63 -7.71 -25.60
CA ARG A 214 -3.94 -7.65 -24.96
C ARG A 214 -4.59 -9.03 -24.85
N ASP A 215 -4.53 -9.81 -25.94
CA ASP A 215 -5.04 -11.18 -25.92
C ASP A 215 -4.27 -12.05 -24.91
N GLU A 216 -2.95 -11.91 -24.89
CA GLU A 216 -2.09 -12.71 -24.03
C GLU A 216 -2.38 -12.49 -22.54
N VAL A 217 -2.43 -11.23 -22.13
CA VAL A 217 -2.73 -10.86 -20.75
C VAL A 217 -4.06 -11.47 -20.28
N PHE A 218 -5.11 -11.30 -21.08
CA PHE A 218 -6.46 -11.77 -20.77
C PHE A 218 -6.53 -13.25 -20.42
N LYS A 219 -5.85 -14.09 -21.20
CA LYS A 219 -5.88 -15.54 -20.99
C LYS A 219 -5.08 -16.00 -19.77
N VAL A 220 -3.99 -15.30 -19.47
CA VAL A 220 -3.17 -15.58 -18.29
C VAL A 220 -3.94 -15.20 -17.01
N LEU A 221 -4.73 -14.13 -17.09
CA LEU A 221 -5.61 -13.72 -16.00
C LEU A 221 -6.73 -14.73 -15.78
N GLN A 222 -7.24 -15.28 -16.88
CA GLN A 222 -8.34 -16.24 -16.84
C GLN A 222 -7.89 -17.56 -16.23
N GLN A 223 -6.60 -17.89 -16.41
CA GLN A 223 -6.02 -19.11 -15.86
C GLN A 223 -6.00 -19.10 -14.34
N HIS A 224 -5.54 -17.99 -13.76
CA HIS A 224 -5.32 -17.92 -12.31
C HIS A 224 -6.55 -17.49 -11.51
N PHE A 225 -7.33 -16.59 -12.08
CA PHE A 225 -8.52 -16.10 -11.41
C PHE A 225 -9.76 -16.47 -12.22
N ARG A 226 -10.51 -17.46 -11.71
CA ARG A 226 -11.75 -17.88 -12.36
C ARG A 226 -12.94 -17.11 -11.80
N PRO A 227 -13.94 -16.80 -12.66
CA PRO A 227 -15.08 -15.94 -12.32
C PRO A 227 -15.66 -16.18 -10.93
N GLU A 228 -15.82 -17.45 -10.57
CA GLU A 228 -16.42 -17.87 -9.29
C GLU A 228 -15.71 -17.26 -8.08
N PHE A 229 -14.41 -17.02 -8.22
CA PHE A 229 -13.61 -16.37 -7.18
C PHE A 229 -13.71 -14.85 -7.23
N LEU A 230 -13.62 -14.28 -8.42
CA LEU A 230 -13.68 -12.83 -8.58
C LEU A 230 -15.04 -12.26 -8.22
N ASN A 231 -16.09 -13.05 -8.45
CA ASN A 231 -17.46 -12.70 -8.07
C ASN A 231 -17.63 -12.36 -6.59
N ARG A 232 -16.78 -12.95 -5.76
CA ARG A 232 -16.86 -12.78 -4.33
C ARG A 232 -16.11 -11.52 -3.87
N LEU A 233 -15.39 -10.89 -4.79
CA LEU A 233 -14.65 -9.65 -4.52
C LEU A 233 -15.50 -8.40 -4.73
N ASP A 234 -15.21 -7.35 -3.95
CA ASP A 234 -15.94 -6.09 -4.07
C ASP A 234 -15.54 -5.31 -5.31
N GLU A 235 -14.25 -5.05 -5.47
CA GLU A 235 -13.75 -4.42 -6.70
C GLU A 235 -12.46 -5.08 -7.20
N ILE A 236 -12.33 -5.15 -8.53
CA ILE A 236 -11.07 -5.51 -9.16
C ILE A 236 -10.42 -4.23 -9.68
N VAL A 237 -9.36 -3.81 -9.01
CA VAL A 237 -8.65 -2.59 -9.38
C VAL A 237 -7.39 -2.92 -10.18
N VAL A 238 -7.17 -2.18 -11.27
CA VAL A 238 -5.92 -2.25 -11.99
C VAL A 238 -5.15 -0.93 -11.85
N PHE A 239 -4.03 -0.99 -11.12
CA PHE A 239 -3.18 0.17 -10.90
C PHE A 239 -2.46 0.55 -12.18
N ARG A 240 -2.43 1.84 -12.47
CA ARG A 240 -1.78 2.34 -13.67
C ARG A 240 -0.33 2.73 -13.37
N PRO A 241 0.56 2.62 -14.37
CA PRO A 241 1.89 3.21 -14.25
C PRO A 241 1.79 4.72 -13.97
N LEU A 242 2.80 5.26 -13.31
CA LEU A 242 2.80 6.66 -12.90
C LEU A 242 3.28 7.58 -14.02
N THR A 243 2.73 8.79 -14.06
CA THR A 243 3.23 9.85 -14.94
C THR A 243 4.43 10.52 -14.30
N LYS A 244 5.22 11.23 -15.11
CA LYS A 244 6.37 12.00 -14.62
C LYS A 244 6.01 12.94 -13.46
N GLU A 245 4.86 13.61 -13.56
CA GLU A 245 4.41 14.52 -12.52
C GLU A 245 4.07 13.80 -11.20
N GLN A 246 3.39 12.65 -11.32
CA GLN A 246 3.10 11.83 -10.15
C GLN A 246 4.39 11.39 -9.45
N ILE A 247 5.36 10.93 -10.24
CA ILE A 247 6.66 10.53 -9.70
C ILE A 247 7.35 11.69 -8.98
N ARG A 248 7.24 12.88 -9.55
CA ARG A 248 7.79 14.10 -8.94
C ARG A 248 7.21 14.39 -7.56
N GLN A 249 5.96 14.02 -7.35
CA GLN A 249 5.32 14.14 -6.05
C GLN A 249 5.78 13.03 -5.11
N ILE A 250 6.01 11.83 -5.67
CA ILE A 250 6.52 10.70 -4.89
C ILE A 250 7.92 11.01 -4.35
N VAL A 251 8.73 11.66 -5.17
CA VAL A 251 10.06 12.11 -4.74
C VAL A 251 9.92 13.01 -3.51
N GLU A 252 9.10 14.05 -3.64
CA GLU A 252 8.87 15.01 -2.56
C GLU A 252 8.45 14.36 -1.23
N ILE A 253 7.51 13.42 -1.30
CA ILE A 253 7.02 12.71 -0.11
C ILE A 253 8.15 11.96 0.55
N GLN A 254 8.90 11.19 -0.24
CA GLN A 254 10.02 10.38 0.24
C GLN A 254 11.10 11.20 0.95
N LEU A 255 11.12 12.51 0.69
CA LEU A 255 12.09 13.42 1.32
C LEU A 255 11.67 13.88 2.72
N SER A 256 10.41 13.64 3.06
CA SER A 256 9.83 14.13 4.32
C SER A 256 10.69 13.83 5.54
N TYR A 257 11.14 12.58 5.67
CA TYR A 257 11.96 12.18 6.82
C TYR A 257 13.29 12.95 6.87
N LEU A 258 14.05 12.89 5.79
CA LEU A 258 15.30 13.64 5.66
C LEU A 258 15.09 15.12 5.99
N ARG A 259 14.11 15.74 5.35
CA ARG A 259 13.81 17.14 5.58
C ARG A 259 13.48 17.45 7.04
N ALA A 260 12.82 16.51 7.71
CA ALA A 260 12.53 16.63 9.14
C ALA A 260 13.80 16.44 9.99
N ARG A 261 14.71 15.58 9.55
CA ARG A 261 15.99 15.39 10.24
C ARG A 261 16.85 16.65 10.17
N LEU A 262 16.96 17.23 8.98
CA LEU A 262 17.70 18.46 8.76
C LEU A 262 17.11 19.65 9.51
N ALA A 263 15.78 19.68 9.60
CA ALA A 263 15.04 20.79 10.21
C ALA A 263 15.42 21.04 11.67
N GLU A 264 15.91 20.00 12.34
CA GLU A 264 16.39 20.09 13.72
C GLU A 264 17.55 21.07 13.82
N LYS A 265 18.44 21.03 12.82
CA LYS A 265 19.57 21.97 12.73
C LYS A 265 19.23 23.17 11.84
N ARG A 266 17.93 23.40 11.66
CA ARG A 266 17.38 24.51 10.85
C ARG A 266 17.92 24.55 9.42
N ILE A 267 18.12 23.38 8.83
CA ILE A 267 18.65 23.28 7.48
C ILE A 267 17.53 23.01 6.47
N SER A 268 17.44 23.88 5.46
CA SER A 268 16.47 23.73 4.37
C SER A 268 17.08 22.98 3.20
N LEU A 269 16.29 22.08 2.61
CA LEU A 269 16.71 21.38 1.40
C LEU A 269 15.81 21.79 0.25
N GLU A 270 16.38 22.50 -0.72
CA GLU A 270 15.62 23.13 -1.79
C GLU A 270 16.06 22.65 -3.18
N LEU A 271 15.34 21.66 -3.70
CA LEU A 271 15.66 21.03 -4.98
C LEU A 271 15.17 21.84 -6.17
N THR A 272 15.90 21.75 -7.28
CA THR A 272 15.48 22.36 -8.55
C THR A 272 14.56 21.40 -9.31
N GLU A 273 14.03 21.88 -10.44
CA GLU A 273 13.16 21.08 -11.29
C GLU A 273 13.92 19.87 -11.82
N ALA A 274 15.15 20.12 -12.29
CA ALA A 274 16.02 19.10 -12.83
C ALA A 274 16.43 18.07 -11.77
N ALA A 275 16.63 18.53 -10.53
CA ALA A 275 17.01 17.66 -9.42
C ALA A 275 16.01 16.53 -9.20
N LYS A 276 14.72 16.87 -9.08
CA LYS A 276 13.67 15.89 -8.86
C LYS A 276 13.54 14.90 -10.01
N ASP A 277 13.65 15.40 -11.23
CA ASP A 277 13.63 14.57 -12.44
C ASP A 277 14.78 13.56 -12.45
N PHE A 278 15.95 14.03 -12.04
CA PHE A 278 17.16 13.22 -11.94
C PHE A 278 16.90 12.02 -11.04
N LEU A 279 16.43 12.29 -9.83
CA LEU A 279 16.08 11.24 -8.88
C LEU A 279 15.00 10.34 -9.46
N ALA A 280 13.95 10.99 -9.99
CA ALA A 280 12.83 10.27 -10.59
C ALA A 280 13.25 9.29 -11.67
N GLU A 281 14.10 9.75 -12.60
CA GLU A 281 14.60 8.93 -13.71
C GLU A 281 15.20 7.61 -13.23
N ARG A 282 16.11 7.72 -12.24
CA ARG A 282 16.87 6.56 -11.79
C ARG A 282 16.16 5.78 -10.68
N GLY A 283 15.18 6.41 -10.06
CA GLY A 283 14.45 5.80 -8.96
C GLY A 283 13.13 5.17 -9.38
N TYR A 284 12.86 5.19 -10.69
CA TYR A 284 11.63 4.64 -11.21
C TYR A 284 11.90 3.85 -12.47
N ASP A 285 11.35 2.65 -12.52
CA ASP A 285 11.43 1.82 -13.71
C ASP A 285 10.14 0.99 -13.80
N PRO A 286 9.81 0.47 -15.00
CA PRO A 286 8.54 -0.23 -15.18
C PRO A 286 8.44 -1.57 -14.45
N VAL A 287 9.55 -2.09 -13.96
CA VAL A 287 9.55 -3.41 -13.32
C VAL A 287 9.16 -3.30 -11.84
N PHE A 288 9.82 -2.40 -11.11
CA PHE A 288 9.57 -2.28 -9.69
C PHE A 288 8.84 -0.98 -9.34
N GLY A 289 8.47 -0.22 -10.38
CA GLY A 289 7.84 1.07 -10.18
C GLY A 289 8.79 2.02 -9.48
N ALA A 290 8.35 2.56 -8.35
CA ALA A 290 9.10 3.56 -7.59
C ALA A 290 9.78 2.97 -6.36
N ARG A 291 9.68 1.66 -6.19
CA ARG A 291 10.32 0.96 -5.08
C ARG A 291 11.86 1.12 -4.99
N PRO A 292 12.56 1.29 -6.13
CA PRO A 292 14.00 1.49 -5.98
C PRO A 292 14.41 2.94 -5.71
N LEU A 293 13.45 3.82 -5.48
CA LEU A 293 13.73 5.25 -5.33
C LEU A 293 14.46 5.59 -4.03
N ARG A 294 14.07 4.94 -2.93
CA ARG A 294 14.63 5.19 -1.60
C ARG A 294 16.15 5.11 -1.65
N ARG A 295 16.65 3.97 -2.16
CA ARG A 295 18.08 3.72 -2.30
C ARG A 295 18.76 4.73 -3.19
N VAL A 296 18.03 5.22 -4.20
CA VAL A 296 18.55 6.22 -5.12
C VAL A 296 18.74 7.56 -4.42
N ILE A 297 17.69 8.03 -3.73
CA ILE A 297 17.76 9.23 -2.88
C ILE A 297 18.95 9.14 -1.92
N GLN A 298 19.03 8.01 -1.22
CA GLN A 298 20.08 7.72 -0.25
C GLN A 298 21.49 7.78 -0.86
N ARG A 299 21.62 7.37 -2.11
CA ARG A 299 22.90 7.34 -2.81
C ARG A 299 23.25 8.67 -3.49
N GLU A 300 22.25 9.30 -4.12
CA GLU A 300 22.46 10.46 -4.97
C GLU A 300 22.47 11.76 -4.20
N LEU A 301 21.71 11.82 -3.12
CA LEU A 301 21.50 13.05 -2.39
C LEU A 301 22.01 12.96 -0.96
N GLU A 302 21.58 11.93 -0.25
CA GLU A 302 21.92 11.76 1.17
C GLU A 302 23.41 11.52 1.40
N THR A 303 24.07 10.88 0.43
CA THR A 303 25.51 10.63 0.53
C THR A 303 26.36 11.91 0.42
N PRO A 304 26.30 12.64 -0.71
CA PRO A 304 27.13 13.84 -0.82
C PRO A 304 26.78 14.91 0.22
N LEU A 305 25.51 14.95 0.63
CA LEU A 305 25.03 15.85 1.67
C LEU A 305 25.70 15.56 3.02
N ALA A 306 25.86 14.28 3.32
CA ALA A 306 26.55 13.85 4.54
C ALA A 306 28.01 14.32 4.51
N GLN A 307 28.67 14.08 3.38
CA GLN A 307 30.03 14.56 3.14
C GLN A 307 30.15 16.08 3.26
N LYS A 308 29.19 16.80 2.69
CA LYS A 308 29.18 18.26 2.75
C LYS A 308 29.04 18.78 4.18
N ILE A 309 28.19 18.13 4.97
CA ILE A 309 28.00 18.46 6.39
C ILE A 309 29.29 18.20 7.18
N LEU A 310 29.81 16.98 7.06
CA LEU A 310 31.00 16.57 7.80
C LEU A 310 32.26 17.35 7.40
N ALA A 311 32.27 17.86 6.17
CA ALA A 311 33.36 18.71 5.70
C ALA A 311 33.26 20.13 6.26
N GLY A 312 32.08 20.48 6.78
CA GLY A 312 31.84 21.80 7.35
C GLY A 312 31.28 22.80 6.36
N GLU A 313 31.14 22.37 5.11
CA GLU A 313 30.57 23.22 4.05
C GLU A 313 29.07 23.44 4.20
N VAL A 314 28.43 22.60 5.03
CA VAL A 314 27.01 22.77 5.38
C VAL A 314 26.86 22.84 6.90
N LYS A 315 26.24 23.92 7.39
CA LYS A 315 26.19 24.22 8.82
C LYS A 315 24.77 24.38 9.37
N GLU A 316 24.70 24.78 10.64
CA GLU A 316 23.46 25.13 11.34
C GLU A 316 22.75 26.29 10.65
N GLY A 317 21.46 26.11 10.38
CA GLY A 317 20.63 27.17 9.81
C GLY A 317 20.80 27.41 8.32
N ASP A 318 21.80 26.75 7.73
CA ASP A 318 22.14 26.94 6.32
C ASP A 318 21.04 26.49 5.38
N ARG A 319 20.86 27.25 4.30
CA ARG A 319 19.91 26.92 3.25
C ARG A 319 20.66 26.24 2.11
N VAL A 320 20.24 25.02 1.78
CA VAL A 320 20.95 24.22 0.79
C VAL A 320 20.13 24.11 -0.49
N GLN A 321 20.72 24.56 -1.60
CA GLN A 321 20.08 24.45 -2.89
C GLN A 321 20.64 23.26 -3.67
N VAL A 322 19.75 22.35 -4.05
CA VAL A 322 20.11 21.14 -4.76
C VAL A 322 19.82 21.31 -6.25
N ASP A 323 20.86 21.16 -7.08
CA ASP A 323 20.68 21.23 -8.53
C ASP A 323 21.30 20.00 -9.21
N VAL A 324 20.92 19.78 -10.48
CA VAL A 324 21.50 18.73 -11.29
C VAL A 324 22.82 19.20 -11.91
N GLY A 325 23.68 18.24 -12.27
CA GLY A 325 24.95 18.54 -12.93
C GLY A 325 25.36 17.44 -13.90
N PRO A 326 26.63 17.47 -14.33
CA PRO A 326 27.12 16.39 -15.20
C PRO A 326 27.57 15.16 -14.41
N ALA A 327 28.02 15.37 -13.17
CA ALA A 327 28.54 14.30 -12.32
C ALA A 327 27.46 13.65 -11.45
N GLY A 328 26.36 14.37 -11.26
CA GLY A 328 25.28 13.93 -10.36
C GLY A 328 24.56 15.15 -9.84
N LEU A 329 24.39 15.22 -8.51
CA LEU A 329 23.77 16.39 -7.90
C LEU A 329 24.80 17.37 -7.35
N VAL A 330 24.63 18.64 -7.70
CA VAL A 330 25.50 19.72 -7.21
C VAL A 330 24.78 20.46 -6.09
N PHE A 331 25.54 20.91 -5.09
CA PHE A 331 24.98 21.55 -3.91
C PHE A 331 25.49 22.97 -3.75
N ALA A 332 24.62 23.87 -3.30
CA ALA A 332 24.96 25.29 -3.20
C ALA A 332 24.52 25.94 -1.88
N VAL A 333 25.30 26.91 -1.42
CA VAL A 333 24.91 27.78 -0.32
C VAL A 333 24.76 29.22 -0.82
N PRO A 334 23.55 29.78 -0.71
CA PRO A 334 23.23 31.12 -1.24
C PRO A 334 24.09 32.21 -0.64
P PO4 B . 4.04 -0.17 -3.22
O1 PO4 B . 3.57 -1.59 -3.45
O2 PO4 B . 3.23 0.51 -2.15
O3 PO4 B . 5.50 -0.18 -2.81
O4 PO4 B . 3.89 0.58 -4.50
#